data_8HDG
#
_entry.id   8HDG
#
_cell.length_a   47.844
_cell.length_b   47.879
_cell.length_c   92.233
_cell.angle_alpha   90.000
_cell.angle_beta   90.053
_cell.angle_gamma   90.000
#
_symmetry.space_group_name_H-M   'P 1 21 1'
#
loop_
_entity.id
_entity.type
_entity.pdbx_description
1 polymer 'Uncharacterized protein DKFZp686B01123'
2 non-polymer 4-({(4S,5R)-4,5-bis(4-chlorophenyl)-2-[4-methoxy-2-(propan-2-yloxy)phenyl]-4,5-dihydro-1H-imidazol-1-yl}carbonyl)piperazin-2-one
3 non-polymer 1,4,7,10,13,16-HEXAOXACYCLOOCTADECANE
4 water water
#
_entity_poly.entity_id   1
_entity_poly.type   'polypeptide(L)'
_entity_poly.pdbx_seq_one_letter_code
;MGSSHHHHHHSQDLENLYFQGSQINQVRPKLPLLKILHAAGAQGEMFTVKEVMHYLGQYIMVKQLYDQQEQHMVYCGGDL
LGELLGRQSFSVKDPSPLYDMLRKNLVTLAT
;
_entity_poly.pdbx_strand_id   D,A,C,B
#
# COMPACT_ATOMS: atom_id res chain seq x y z
N GLN A 12 -15.21 -44.91 6.87
CA GLN A 12 -14.50 -43.63 6.57
C GLN A 12 -15.32 -42.43 7.02
N ASP A 13 -16.40 -42.70 7.78
CA ASP A 13 -17.34 -41.73 8.36
C ASP A 13 -16.57 -40.54 8.98
N LEU A 14 -15.78 -40.75 10.03
CA LEU A 14 -15.10 -39.65 10.74
C LEU A 14 -13.97 -39.03 9.92
N GLU A 15 -13.25 -39.83 9.12
CA GLU A 15 -12.16 -39.29 8.31
C GLU A 15 -12.76 -38.36 7.24
N ASN A 16 -13.85 -38.78 6.62
CA ASN A 16 -14.58 -37.93 5.67
C ASN A 16 -15.07 -36.64 6.31
N LEU A 17 -15.72 -36.73 7.47
CA LEU A 17 -16.15 -35.56 8.20
C LEU A 17 -15.00 -34.59 8.40
N TYR A 18 -13.86 -35.10 8.85
CA TYR A 18 -12.72 -34.24 9.17
C TYR A 18 -12.28 -33.49 7.91
N PHE A 19 -12.15 -34.22 6.80
CA PHE A 19 -11.57 -33.67 5.58
C PHE A 19 -12.56 -32.83 4.75
N GLN A 20 -13.87 -32.86 5.06
CA GLN A 20 -14.87 -31.98 4.45
C GLN A 20 -14.51 -30.51 4.56
N GLY A 21 -14.48 -29.84 3.39
CA GLY A 21 -14.21 -28.41 3.34
C GLY A 21 -12.73 -28.10 3.35
N SER A 22 -11.88 -29.14 3.41
CA SER A 22 -10.45 -29.03 3.53
C SER A 22 -9.73 -29.99 2.57
N GLN A 23 -10.30 -30.29 1.40
CA GLN A 23 -9.67 -31.23 0.50
C GLN A 23 -8.81 -30.53 -0.56
N ILE A 24 -9.04 -29.22 -0.79
CA ILE A 24 -8.32 -28.43 -1.77
C ILE A 24 -7.42 -27.43 -1.04
N ASN A 25 -7.89 -26.88 0.07
CA ASN A 25 -7.08 -25.98 0.87
C ASN A 25 -6.70 -24.77 0.03
N GLN A 26 -7.72 -23.99 -0.32
CA GLN A 26 -7.46 -22.76 -1.04
C GLN A 26 -7.07 -21.70 -0.02
N VAL A 27 -6.32 -20.70 -0.52
CA VAL A 27 -5.85 -19.57 0.27
C VAL A 27 -6.16 -18.28 -0.47
N ARG A 28 -6.24 -17.20 0.30
CA ARG A 28 -6.46 -15.87 -0.21
C ARG A 28 -5.20 -15.09 0.14
N PRO A 29 -4.38 -14.72 -0.85
CA PRO A 29 -3.16 -13.94 -0.58
C PRO A 29 -3.54 -12.56 -0.04
N LYS A 30 -2.76 -12.04 0.89
CA LYS A 30 -2.86 -10.65 1.31
C LYS A 30 -2.52 -9.75 0.14
N LEU A 31 -3.01 -8.49 0.19
CA LEU A 31 -3.08 -7.62 -0.97
C LEU A 31 -1.71 -7.43 -1.65
N PRO A 32 -0.58 -7.16 -0.95
CA PRO A 32 0.69 -7.01 -1.67
C PRO A 32 1.12 -8.25 -2.46
N LEU A 33 0.87 -9.43 -1.87
CA LEU A 33 1.22 -10.69 -2.53
C LEU A 33 0.26 -10.92 -3.70
N LEU A 34 -1.02 -10.57 -3.52
CA LEU A 34 -1.99 -10.69 -4.60
C LEU A 34 -1.55 -9.90 -5.83
N LYS A 35 -1.03 -8.68 -5.63
CA LYS A 35 -0.55 -7.85 -6.71
C LYS A 35 0.60 -8.51 -7.46
N ILE A 36 1.49 -9.16 -6.71
CA ILE A 36 2.58 -9.91 -7.35
C ILE A 36 2.01 -11.03 -8.22
N LEU A 37 1.07 -11.82 -7.69
CA LEU A 37 0.56 -12.96 -8.46
C LEU A 37 -0.13 -12.47 -9.75
N HIS A 38 -0.93 -11.40 -9.63
CA HIS A 38 -1.57 -10.77 -10.78
C HIS A 38 -0.57 -10.30 -11.83
N ALA A 39 0.58 -9.76 -11.39
CA ALA A 39 1.61 -9.32 -12.31
C ALA A 39 2.18 -10.48 -13.09
N ALA A 40 2.07 -11.71 -12.55
CA ALA A 40 2.61 -12.91 -13.22
C ALA A 40 1.53 -13.59 -14.06
N GLY A 41 0.35 -12.96 -14.12
CA GLY A 41 -0.76 -13.39 -14.96
C GLY A 41 -1.88 -14.11 -14.22
N ALA A 42 -1.85 -14.14 -12.86
CA ALA A 42 -2.91 -14.77 -12.09
C ALA A 42 -4.18 -13.93 -12.19
N GLN A 43 -5.33 -14.59 -11.98
CA GLN A 43 -6.61 -13.90 -11.98
C GLN A 43 -7.42 -14.33 -10.77
N GLY A 44 -8.19 -13.37 -10.25
CA GLY A 44 -9.02 -13.61 -9.08
C GLY A 44 -8.21 -13.52 -7.80
N GLU A 45 -8.77 -14.01 -6.70
CA GLU A 45 -8.06 -13.86 -5.45
C GLU A 45 -8.19 -15.08 -4.57
N MET A 46 -8.49 -16.24 -5.15
CA MET A 46 -8.45 -17.50 -4.44
C MET A 46 -7.58 -18.48 -5.23
N PHE A 47 -6.64 -19.12 -4.56
CA PHE A 47 -5.66 -19.99 -5.20
C PHE A 47 -5.33 -21.16 -4.26
N THR A 48 -4.88 -22.27 -4.85
CA THR A 48 -4.14 -23.26 -4.11
C THR A 48 -2.73 -22.76 -3.86
N VAL A 49 -2.06 -23.38 -2.87
CA VAL A 49 -0.70 -23.01 -2.55
C VAL A 49 0.21 -23.36 -3.72
N LYS A 50 -0.10 -24.48 -4.40
CA LYS A 50 0.63 -24.85 -5.60
C LYS A 50 0.55 -23.77 -6.67
N GLU A 51 -0.64 -23.17 -6.86
CA GLU A 51 -0.77 -22.12 -7.83
C GLU A 51 0.06 -20.92 -7.40
N VAL A 52 0.02 -20.60 -6.11
CA VAL A 52 0.80 -19.48 -5.60
C VAL A 52 2.28 -19.67 -5.97
N MET A 53 2.81 -20.87 -5.77
CA MET A 53 4.23 -21.13 -6.06
C MET A 53 4.50 -20.99 -7.56
N HIS A 54 3.60 -21.52 -8.41
CA HIS A 54 3.72 -21.38 -9.85
C HIS A 54 3.85 -19.92 -10.26
N TYR A 55 2.92 -19.06 -9.78
CA TYR A 55 2.89 -17.67 -10.16
C TYR A 55 4.10 -16.90 -9.61
N LEU A 56 4.55 -17.22 -8.37
CA LEU A 56 5.74 -16.57 -7.84
C LEU A 56 6.95 -16.90 -8.71
N GLY A 57 7.09 -18.16 -9.11
CA GLY A 57 8.18 -18.55 -9.99
C GLY A 57 8.11 -17.78 -11.31
N GLN A 58 6.89 -17.68 -11.85
CA GLN A 58 6.65 -16.93 -13.08
C GLN A 58 7.00 -15.45 -12.93
N TYR A 59 6.62 -14.86 -11.78
CA TYR A 59 6.93 -13.48 -11.46
C TYR A 59 8.44 -13.23 -11.54
N ILE A 60 9.21 -14.10 -10.89
CA ILE A 60 10.68 -13.93 -10.87
C ILE A 60 11.24 -13.99 -12.29
N MET A 61 10.69 -14.89 -13.10
CA MET A 61 11.10 -15.01 -14.49
C MET A 61 10.75 -13.75 -15.28
N VAL A 62 9.49 -13.28 -15.21
CA VAL A 62 9.10 -12.17 -16.07
C VAL A 62 9.73 -10.86 -15.58
N LYS A 63 10.04 -10.71 -14.29
CA LYS A 63 10.65 -9.47 -13.81
C LYS A 63 12.19 -9.56 -13.90
N GLN A 64 12.72 -10.70 -14.37
CA GLN A 64 14.14 -10.98 -14.51
C GLN A 64 14.92 -10.69 -13.23
N LEU A 65 14.42 -11.22 -12.10
CA LEU A 65 15.05 -11.03 -10.81
C LEU A 65 16.12 -12.09 -10.51
N TYR A 66 16.22 -13.12 -11.33
CA TYR A 66 17.22 -14.15 -11.11
C TYR A 66 18.53 -13.77 -11.80
N ASP A 67 19.61 -14.39 -11.34
CA ASP A 67 20.94 -14.22 -11.91
C ASP A 67 21.08 -15.22 -13.06
N GLN A 68 21.43 -14.76 -14.25
CA GLN A 68 21.38 -15.63 -15.43
C GLN A 68 22.49 -16.68 -15.35
N GLN A 69 23.57 -16.39 -14.61
CA GLN A 69 24.67 -17.31 -14.42
C GLN A 69 24.35 -18.29 -13.29
N GLU A 70 23.95 -17.75 -12.13
CA GLU A 70 23.61 -18.53 -10.95
C GLU A 70 22.11 -18.51 -10.75
N GLN A 71 21.36 -19.33 -11.48
CA GLN A 71 19.93 -19.10 -11.69
C GLN A 71 19.09 -19.45 -10.46
N HIS A 72 19.70 -20.11 -9.48
CA HIS A 72 19.09 -20.37 -8.17
C HIS A 72 19.04 -19.11 -7.29
N MET A 73 19.79 -18.07 -7.68
CA MET A 73 19.84 -16.84 -6.88
C MET A 73 18.82 -15.83 -7.40
N VAL A 74 18.03 -15.27 -6.48
CA VAL A 74 17.06 -14.25 -6.78
C VAL A 74 17.49 -12.94 -6.12
N TYR A 75 17.57 -11.86 -6.92
CA TYR A 75 17.87 -10.54 -6.38
C TYR A 75 16.60 -9.71 -6.37
N CYS A 76 15.93 -9.69 -5.21
CA CYS A 76 14.59 -9.15 -5.06
C CYS A 76 14.59 -7.77 -4.41
N GLY A 77 15.73 -7.31 -3.93
CA GLY A 77 15.84 -6.07 -3.18
C GLY A 77 15.31 -4.86 -3.94
N GLY A 78 15.48 -4.80 -5.25
CA GLY A 78 14.74 -3.74 -5.98
C GLY A 78 13.21 -3.62 -5.72
N ASP A 79 12.56 -4.75 -5.38
CA ASP A 79 11.23 -5.09 -5.86
C ASP A 79 10.24 -5.22 -4.69
N LEU A 80 8.93 -5.11 -4.97
CA LEU A 80 7.91 -5.44 -3.99
C LEU A 80 8.15 -6.80 -3.34
N LEU A 81 8.64 -7.76 -4.12
CA LEU A 81 8.85 -9.10 -3.57
C LEU A 81 9.90 -9.06 -2.46
N GLY A 82 10.97 -8.27 -2.66
CA GLY A 82 11.99 -8.07 -1.65
C GLY A 82 11.43 -7.42 -0.38
N GLU A 83 10.54 -6.45 -0.54
CA GLU A 83 9.86 -5.90 0.63
C GLU A 83 9.10 -6.95 1.42
N LEU A 84 8.31 -7.78 0.73
CA LEU A 84 7.55 -8.80 1.41
C LEU A 84 8.45 -9.77 2.15
N LEU A 85 9.54 -10.23 1.48
CA LEU A 85 10.44 -11.22 2.04
C LEU A 85 11.33 -10.62 3.13
N GLY A 86 11.50 -9.29 3.13
CA GLY A 86 12.44 -8.61 3.99
C GLY A 86 13.89 -8.97 3.66
N ARG A 87 14.15 -9.16 2.38
CA ARG A 87 15.49 -9.52 1.93
C ARG A 87 15.88 -8.80 0.64
N GLN A 88 17.20 -8.62 0.47
CA GLN A 88 17.75 -8.19 -0.81
C GLN A 88 17.91 -9.34 -1.82
N SER A 89 18.12 -10.58 -1.33
CA SER A 89 18.43 -11.73 -2.15
C SER A 89 17.94 -12.98 -1.43
N PHE A 90 17.72 -14.05 -2.19
CA PHE A 90 17.66 -15.36 -1.58
C PHE A 90 17.99 -16.40 -2.63
N SER A 91 18.32 -17.57 -2.12
CA SER A 91 18.63 -18.71 -2.95
C SER A 91 17.50 -19.72 -2.83
N VAL A 92 17.05 -20.28 -3.97
CA VAL A 92 16.01 -21.30 -3.94
C VAL A 92 16.50 -22.53 -3.19
N LYS A 93 17.84 -22.68 -3.02
CA LYS A 93 18.41 -23.80 -2.27
C LYS A 93 18.18 -23.66 -0.77
N ASP A 94 17.99 -22.42 -0.28
CA ASP A 94 17.71 -22.18 1.13
C ASP A 94 16.44 -21.34 1.23
N PRO A 95 15.25 -21.95 1.02
CA PRO A 95 14.02 -21.18 0.84
C PRO A 95 13.28 -20.75 2.11
N SER A 96 13.94 -20.79 3.28
CA SER A 96 13.31 -20.40 4.55
C SER A 96 12.58 -19.05 4.49
N PRO A 97 13.16 -17.98 3.92
CA PRO A 97 12.43 -16.71 3.88
C PRO A 97 11.12 -16.76 3.12
N LEU A 98 11.06 -17.63 2.09
CA LEU A 98 9.84 -17.79 1.31
C LEU A 98 8.74 -18.48 2.13
N TYR A 99 9.12 -19.54 2.86
CA TYR A 99 8.21 -20.20 3.78
C TYR A 99 7.65 -19.19 4.77
N ASP A 100 8.54 -18.39 5.37
CA ASP A 100 8.14 -17.42 6.39
C ASP A 100 7.11 -16.47 5.79
N MET A 101 7.44 -15.93 4.60
CA MET A 101 6.60 -14.93 3.94
C MET A 101 5.22 -15.52 3.63
N LEU A 102 5.20 -16.77 3.16
CA LEU A 102 3.91 -17.33 2.76
C LEU A 102 3.07 -17.71 3.96
N ARG A 103 3.68 -18.14 5.07
CA ARG A 103 2.93 -18.31 6.32
C ARG A 103 2.22 -17.03 6.72
N LYS A 104 2.86 -15.86 6.54
CA LYS A 104 2.30 -14.59 6.94
C LYS A 104 1.33 -14.00 5.91
N ASN A 105 1.43 -14.42 4.64
CA ASN A 105 0.76 -13.70 3.59
C ASN A 105 -0.30 -14.54 2.87
N LEU A 106 -0.52 -15.79 3.33
CA LEU A 106 -1.62 -16.60 2.80
C LEU A 106 -2.62 -16.86 3.92
N VAL A 107 -3.89 -16.51 3.66
CA VAL A 107 -4.94 -16.70 4.65
C VAL A 107 -5.76 -17.92 4.24
N THR A 108 -5.97 -18.86 5.17
CA THR A 108 -6.74 -20.06 4.90
C THR A 108 -8.23 -19.73 4.72
N LEU A 109 -8.86 -20.43 3.77
CA LEU A 109 -10.20 -20.06 3.32
C LEU A 109 -11.24 -20.75 4.21
N GLN B 12 -52.31 4.62 -24.28
CA GLN B 12 -51.14 4.81 -23.36
C GLN B 12 -51.59 4.90 -21.90
N ASP B 13 -52.92 4.85 -21.68
CA ASP B 13 -53.57 4.95 -20.38
C ASP B 13 -52.87 4.04 -19.35
N LEU B 14 -52.91 2.70 -19.55
CA LEU B 14 -52.34 1.76 -18.58
C LEU B 14 -50.82 1.79 -18.54
N GLU B 15 -50.15 2.01 -19.68
CA GLU B 15 -48.69 2.07 -19.70
C GLU B 15 -48.22 3.29 -18.89
N ASN B 16 -48.88 4.43 -19.07
CA ASN B 16 -48.61 5.63 -18.28
C ASN B 16 -48.84 5.40 -16.79
N LEU B 17 -49.97 4.82 -16.42
CA LEU B 17 -50.25 4.49 -15.04
C LEU B 17 -49.11 3.65 -14.44
N TYR B 18 -48.68 2.61 -15.18
CA TYR B 18 -47.66 1.72 -14.67
C TYR B 18 -46.38 2.50 -14.38
N PHE B 19 -45.96 3.33 -15.34
CA PHE B 19 -44.67 3.99 -15.29
C PHE B 19 -44.65 5.24 -14.38
N GLN B 20 -45.82 5.74 -13.94
CA GLN B 20 -45.93 6.82 -12.95
C GLN B 20 -45.14 6.55 -11.68
N GLY B 21 -44.24 7.49 -11.35
CA GLY B 21 -43.48 7.41 -10.13
C GLY B 21 -42.23 6.54 -10.27
N SER B 22 -42.02 5.97 -11.47
CA SER B 22 -40.87 5.11 -11.73
C SER B 22 -40.27 5.41 -13.11
N GLN B 23 -40.22 6.68 -13.51
CA GLN B 23 -39.59 7.01 -14.78
C GLN B 23 -38.12 7.44 -14.64
N ILE B 24 -37.70 7.79 -13.42
CA ILE B 24 -36.33 8.20 -13.13
C ILE B 24 -35.66 7.10 -12.30
N ASN B 25 -36.40 6.45 -11.41
CA ASN B 25 -35.84 5.35 -10.64
C ASN B 25 -34.66 5.85 -9.84
N GLN B 26 -34.96 6.73 -8.88
CA GLN B 26 -33.92 7.19 -7.99
C GLN B 26 -33.76 6.14 -6.90
N VAL B 27 -32.55 6.12 -6.32
CA VAL B 27 -32.17 5.21 -5.24
C VAL B 27 -31.53 6.02 -4.12
N ARG B 28 -31.56 5.44 -2.92
CA ARG B 28 -30.97 6.01 -1.73
C ARG B 28 -29.90 5.01 -1.31
N PRO B 29 -28.62 5.35 -1.47
CA PRO B 29 -27.54 4.44 -1.04
C PRO B 29 -27.59 4.24 0.47
N LYS B 30 -27.28 3.02 0.94
CA LYS B 30 -27.05 2.77 2.35
C LYS B 30 -25.83 3.53 2.81
N LEU B 31 -25.76 3.78 4.14
CA LEU B 31 -24.84 4.78 4.69
C LEU B 31 -23.38 4.54 4.28
N PRO B 32 -22.80 3.33 4.35
CA PRO B 32 -21.38 3.19 3.95
C PRO B 32 -21.12 3.58 2.48
N LEU B 33 -22.06 3.22 1.60
CA LEU B 33 -21.93 3.55 0.19
C LEU B 33 -22.13 5.05 0.00
N LEU B 34 -23.06 5.64 0.77
CA LEU B 34 -23.29 7.08 0.68
C LEU B 34 -22.00 7.85 1.00
N LYS B 35 -21.25 7.40 2.01
CA LYS B 35 -20.01 8.04 2.39
C LYS B 35 -18.97 7.97 1.26
N ILE B 36 -18.94 6.84 0.57
CA ILE B 36 -18.07 6.72 -0.60
C ILE B 36 -18.46 7.75 -1.68
N LEU B 37 -19.75 7.83 -2.00
CA LEU B 37 -20.18 8.75 -3.05
C LEU B 37 -19.83 10.20 -2.69
N HIS B 38 -20.09 10.58 -1.44
CA HIS B 38 -19.72 11.90 -0.91
C HIS B 38 -18.23 12.19 -1.05
N ALA B 39 -17.39 11.18 -0.78
CA ALA B 39 -15.95 11.36 -0.90
C ALA B 39 -15.56 11.64 -2.34
N ALA B 40 -16.38 11.23 -3.32
CA ALA B 40 -16.09 11.45 -4.74
C ALA B 40 -16.72 12.74 -5.24
N GLY B 41 -17.36 13.49 -4.32
CA GLY B 41 -17.91 14.81 -4.58
C GLY B 41 -19.42 14.83 -4.71
N ALA B 42 -20.13 13.71 -4.43
CA ALA B 42 -21.58 13.68 -4.52
C ALA B 42 -22.18 14.51 -3.39
N GLN B 43 -23.41 15.01 -3.60
CA GLN B 43 -24.11 15.75 -2.56
C GLN B 43 -25.53 15.22 -2.43
N GLY B 44 -26.03 15.24 -1.20
CA GLY B 44 -27.36 14.76 -0.90
C GLY B 44 -27.40 13.25 -0.75
N GLU B 45 -28.60 12.68 -0.77
CA GLU B 45 -28.65 11.25 -0.57
C GLU B 45 -29.69 10.57 -1.46
N MET B 46 -30.04 11.20 -2.58
CA MET B 46 -30.87 10.59 -3.59
C MET B 46 -30.17 10.73 -4.93
N PHE B 47 -30.05 9.64 -5.68
CA PHE B 47 -29.31 9.59 -6.93
C PHE B 47 -29.99 8.62 -7.89
N THR B 48 -29.75 8.83 -9.19
CA THR B 48 -29.97 7.78 -10.17
C THR B 48 -28.84 6.76 -10.08
N VAL B 49 -29.10 5.58 -10.64
CA VAL B 49 -28.10 4.52 -10.66
C VAL B 49 -26.92 4.96 -11.53
N LYS B 50 -27.22 5.68 -12.61
CA LYS B 50 -26.17 6.24 -13.45
C LYS B 50 -25.26 7.17 -12.65
N GLU B 51 -25.84 8.02 -11.80
CA GLU B 51 -25.02 8.90 -11.00
C GLU B 51 -24.15 8.08 -10.04
N VAL B 52 -24.75 7.06 -9.45
CA VAL B 52 -23.99 6.19 -8.53
C VAL B 52 -22.75 5.65 -9.24
N MET B 53 -22.91 5.16 -10.46
CA MET B 53 -21.78 4.57 -11.19
C MET B 53 -20.72 5.64 -11.48
N HIS B 54 -21.15 6.84 -11.90
CA HIS B 54 -20.26 7.96 -12.14
C HIS B 54 -19.38 8.23 -10.92
N TYR B 55 -20.01 8.40 -9.74
CA TYR B 55 -19.30 8.74 -8.53
C TYR B 55 -18.39 7.60 -8.06
N LEU B 56 -18.83 6.34 -8.21
CA LEU B 56 -17.95 5.22 -7.85
C LEU B 56 -16.69 5.23 -8.71
N GLY B 57 -16.85 5.45 -10.02
CA GLY B 57 -15.71 5.53 -10.91
C GLY B 57 -14.77 6.67 -10.48
N GLN B 58 -15.37 7.81 -10.14
CA GLN B 58 -14.61 8.98 -9.66
C GLN B 58 -13.88 8.67 -8.36
N TYR B 59 -14.55 7.95 -7.43
CA TYR B 59 -13.95 7.53 -6.18
C TYR B 59 -12.67 6.74 -6.43
N ILE B 60 -12.75 5.75 -7.32
CA ILE B 60 -11.60 4.89 -7.61
C ILE B 60 -10.44 5.72 -8.17
N MET B 61 -10.77 6.69 -9.02
CA MET B 61 -9.77 7.60 -9.57
C MET B 61 -9.14 8.46 -8.47
N VAL B 62 -9.96 9.14 -7.66
CA VAL B 62 -9.38 10.06 -6.68
C VAL B 62 -8.66 9.33 -5.55
N LYS B 63 -9.04 8.09 -5.22
CA LYS B 63 -8.35 7.36 -4.16
C LYS B 63 -7.16 6.57 -4.74
N GLN B 64 -6.95 6.64 -6.06
CA GLN B 64 -5.91 5.92 -6.80
C GLN B 64 -5.90 4.43 -6.46
N LEU B 65 -7.07 3.78 -6.54
CA LEU B 65 -7.19 2.36 -6.24
C LEU B 65 -6.94 1.48 -7.48
N TYR B 66 -6.84 2.08 -8.65
CA TYR B 66 -6.59 1.31 -9.87
C TYR B 66 -5.08 1.12 -10.06
N ASP B 67 -4.75 0.12 -10.87
CA ASP B 67 -3.38 -0.17 -11.24
C ASP B 67 -3.04 0.67 -12.47
N GLN B 68 -1.95 1.45 -12.42
CA GLN B 68 -1.71 2.42 -13.48
C GLN B 68 -1.30 1.71 -14.77
N GLN B 69 -0.78 0.49 -14.66
CA GLN B 69 -0.38 -0.32 -15.81
C GLN B 69 -1.60 -1.06 -16.34
N GLU B 70 -2.31 -1.78 -15.46
CA GLU B 70 -3.49 -2.56 -15.80
C GLU B 70 -4.73 -1.85 -15.28
N GLN B 71 -5.21 -0.83 -15.98
CA GLN B 71 -6.10 0.16 -15.38
C GLN B 71 -7.53 -0.36 -15.18
N HIS B 72 -7.84 -1.52 -15.73
CA HIS B 72 -9.09 -2.24 -15.50
C HIS B 72 -9.12 -2.91 -14.11
N MET B 73 -7.94 -3.02 -13.46
CA MET B 73 -7.86 -3.68 -12.17
C MET B 73 -7.96 -2.66 -11.04
N VAL B 74 -8.85 -2.96 -10.09
CA VAL B 74 -9.05 -2.14 -8.90
C VAL B 74 -8.57 -2.92 -7.68
N TYR B 75 -7.68 -2.30 -6.89
CA TYR B 75 -7.22 -2.89 -5.66
C TYR B 75 -7.86 -2.16 -4.49
N CYS B 76 -8.98 -2.73 -4.00
CA CYS B 76 -9.86 -2.09 -3.04
C CYS B 76 -9.69 -2.61 -1.63
N GLY B 77 -8.89 -3.66 -1.44
CA GLY B 77 -8.73 -4.31 -0.16
C GLY B 77 -8.26 -3.37 0.96
N GLY B 78 -7.43 -2.37 0.66
CA GLY B 78 -7.20 -1.36 1.71
C GLY B 78 -8.46 -0.69 2.33
N ASP B 79 -9.54 -0.59 1.55
CA ASP B 79 -10.45 0.57 1.55
C ASP B 79 -11.87 0.19 1.99
N LEU B 80 -12.67 1.19 2.41
CA LEU B 80 -14.07 0.95 2.65
C LEU B 80 -14.76 0.26 1.46
N LEU B 81 -14.35 0.61 0.25
CA LEU B 81 -14.99 0.03 -0.92
C LEU B 81 -14.76 -1.49 -0.95
N GLY B 82 -13.55 -1.91 -0.60
CA GLY B 82 -13.23 -3.33 -0.48
C GLY B 82 -14.08 -4.05 0.56
N GLU B 83 -14.30 -3.40 1.71
CA GLU B 83 -15.21 -3.96 2.68
C GLU B 83 -16.60 -4.18 2.14
N LEU B 84 -17.16 -3.16 1.45
CA LEU B 84 -18.48 -3.30 0.90
C LEU B 84 -18.57 -4.43 -0.11
N LEU B 85 -17.57 -4.52 -1.01
CA LEU B 85 -17.56 -5.51 -2.08
C LEU B 85 -17.23 -6.92 -1.55
N GLY B 86 -16.61 -7.00 -0.38
CA GLY B 86 -16.09 -8.24 0.17
C GLY B 86 -14.94 -8.80 -0.66
N ARG B 87 -14.14 -7.90 -1.22
CA ARG B 87 -13.03 -8.30 -2.07
C ARG B 87 -11.78 -7.47 -1.82
N GLN B 88 -10.61 -8.10 -2.10
CA GLN B 88 -9.35 -7.36 -2.17
C GLN B 88 -9.14 -6.64 -3.51
N SER B 89 -9.72 -7.17 -4.59
CA SER B 89 -9.50 -6.70 -5.95
C SER B 89 -10.72 -7.02 -6.78
N PHE B 90 -10.90 -6.27 -7.87
CA PHE B 90 -11.75 -6.77 -8.93
C PHE B 90 -11.35 -6.09 -10.23
N SER B 91 -11.81 -6.71 -11.30
CA SER B 91 -11.57 -6.25 -12.64
C SER B 91 -12.87 -5.68 -13.21
N VAL B 92 -12.82 -4.50 -13.83
CA VAL B 92 -14.01 -3.95 -14.46
C VAL B 92 -14.49 -4.86 -15.58
N LYS B 93 -13.63 -5.78 -16.08
CA LYS B 93 -14.02 -6.73 -17.12
C LYS B 93 -14.94 -7.82 -16.58
N ASP B 94 -14.88 -8.09 -15.26
CA ASP B 94 -15.73 -9.08 -14.63
C ASP B 94 -16.42 -8.43 -13.44
N PRO B 95 -17.44 -7.57 -13.68
CA PRO B 95 -17.98 -6.71 -12.63
C PRO B 95 -19.04 -7.32 -11.72
N SER B 96 -19.18 -8.67 -11.68
CA SER B 96 -20.18 -9.32 -10.85
C SER B 96 -20.20 -8.83 -9.40
N PRO B 97 -19.05 -8.69 -8.71
CA PRO B 97 -19.09 -8.21 -7.32
C PRO B 97 -19.71 -6.83 -7.15
N LEU B 98 -19.56 -5.98 -8.17
CA LEU B 98 -20.14 -4.64 -8.13
C LEU B 98 -21.67 -4.69 -8.26
N TYR B 99 -22.17 -5.52 -9.19
CA TYR B 99 -23.59 -5.77 -9.31
C TYR B 99 -24.15 -6.24 -7.97
N ASP B 100 -23.47 -7.23 -7.36
CA ASP B 100 -23.95 -7.82 -6.11
C ASP B 100 -24.04 -6.73 -5.04
N MET B 101 -22.97 -5.91 -4.93
CA MET B 101 -22.89 -4.89 -3.91
C MET B 101 -24.00 -3.85 -4.10
N LEU B 102 -24.25 -3.47 -5.36
CA LEU B 102 -25.23 -2.42 -5.58
C LEU B 102 -26.65 -2.93 -5.39
N ARG B 103 -26.92 -4.19 -5.71
CA ARG B 103 -28.21 -4.79 -5.36
C ARG B 103 -28.47 -4.68 -3.86
N LYS B 104 -27.44 -4.89 -3.02
CA LYS B 104 -27.60 -4.86 -1.58
C LYS B 104 -27.58 -3.44 -0.99
N ASN B 105 -26.98 -2.47 -1.70
CA ASN B 105 -26.65 -1.21 -1.06
C ASN B 105 -27.40 -0.03 -1.68
N LEU B 106 -28.29 -0.29 -2.67
CA LEU B 106 -29.16 0.76 -3.20
C LEU B 106 -30.61 0.42 -2.86
N VAL B 107 -31.31 1.34 -2.21
CA VAL B 107 -32.71 1.15 -1.84
C VAL B 107 -33.58 1.94 -2.81
N THR B 108 -34.57 1.29 -3.43
CA THR B 108 -35.70 1.97 -4.02
C THR B 108 -36.74 2.10 -2.92
N LEU B 109 -37.00 3.31 -2.42
CA LEU B 109 -38.01 3.49 -1.37
C LEU B 109 -38.83 4.76 -1.66
N GLN C 12 4.62 6.18 -13.47
CA GLN C 12 5.72 7.00 -14.04
C GLN C 12 7.07 6.39 -13.68
N ASP C 13 8.04 6.49 -14.61
CA ASP C 13 9.45 6.15 -14.46
C ASP C 13 9.97 6.62 -13.09
N LEU C 14 10.05 7.94 -12.83
CA LEU C 14 10.64 8.46 -11.59
C LEU C 14 9.78 8.19 -10.35
N GLU C 15 8.44 8.22 -10.48
CA GLU C 15 7.57 7.94 -9.34
C GLU C 15 7.75 6.49 -8.91
N ASN C 16 7.80 5.58 -9.87
CA ASN C 16 8.10 4.16 -9.61
C ASN C 16 9.44 3.98 -8.92
N LEU C 17 10.51 4.58 -9.47
CA LEU C 17 11.82 4.54 -8.86
C LEU C 17 11.76 4.95 -7.39
N TYR C 18 11.08 6.08 -7.12
CA TYR C 18 11.03 6.62 -5.78
C TYR C 18 10.39 5.60 -4.84
N PHE C 19 9.25 5.04 -5.26
CA PHE C 19 8.44 4.18 -4.40
C PHE C 19 8.95 2.74 -4.29
N GLN C 20 9.92 2.32 -5.14
CA GLN C 20 10.59 1.02 -5.03
C GLN C 20 11.20 0.79 -3.66
N GLY C 21 10.80 -0.35 -3.05
CA GLY C 21 11.35 -0.74 -1.77
C GLY C 21 10.64 -0.08 -0.61
N SER C 22 9.63 0.75 -0.90
CA SER C 22 8.92 1.57 0.07
C SER C 22 7.41 1.53 -0.16
N GLN C 23 6.86 0.43 -0.69
CA GLN C 23 5.43 0.39 -0.94
C GLN C 23 4.64 -0.27 0.18
N ILE C 24 5.33 -1.03 1.06
CA ILE C 24 4.72 -1.70 2.20
C ILE C 24 5.15 -0.99 3.48
N ASN C 25 6.39 -0.52 3.55
CA ASN C 25 6.87 0.21 4.71
C ASN C 25 6.74 -0.66 5.95
N GLN C 26 7.52 -1.73 5.97
CA GLN C 26 7.56 -2.57 7.15
C GLN C 26 8.51 -1.93 8.14
N VAL C 27 8.27 -2.27 9.42
CA VAL C 27 9.05 -1.80 10.56
C VAL C 27 9.45 -2.98 11.42
N ARG C 28 10.55 -2.79 12.17
CA ARG C 28 11.05 -3.76 13.11
C ARG C 28 10.92 -3.10 14.48
N PRO C 29 9.99 -3.58 15.33
CA PRO C 29 9.84 -3.00 16.67
C PRO C 29 11.10 -3.25 17.50
N LYS C 30 11.48 -2.28 18.34
CA LYS C 30 12.52 -2.49 19.34
C LYS C 30 12.05 -3.54 20.34
N LEU C 31 13.03 -4.18 21.02
CA LEU C 31 12.81 -5.43 21.73
C LEU C 31 11.65 -5.32 22.75
N PRO C 32 11.55 -4.29 23.62
CA PRO C 32 10.42 -4.26 24.57
C PRO C 32 9.05 -4.24 23.90
N LEU C 33 8.94 -3.49 22.80
CA LEU C 33 7.68 -3.40 22.06
C LEU C 33 7.42 -4.73 21.37
N LEU C 34 8.47 -5.37 20.84
CA LEU C 34 8.33 -6.67 20.20
C LEU C 34 7.71 -7.68 21.18
N LYS C 35 8.16 -7.68 22.44
CA LYS C 35 7.64 -8.57 23.46
C LYS C 35 6.15 -8.34 23.71
N ILE C 36 5.74 -7.08 23.72
CA ILE C 36 4.31 -6.75 23.82
C ILE C 36 3.53 -7.35 22.64
N LEU C 37 4.02 -7.15 21.42
CA LEU C 37 3.26 -7.63 20.25
C LEU C 37 3.15 -9.16 20.28
N HIS C 38 4.24 -9.85 20.64
CA HIS C 38 4.25 -11.30 20.81
C HIS C 38 3.23 -11.77 21.85
N ALA C 39 3.10 -11.02 22.96
CA ALA C 39 2.14 -11.36 23.99
C ALA C 39 0.71 -11.28 23.47
N ALA C 40 0.49 -10.48 22.41
CA ALA C 40 -0.85 -10.32 21.83
C ALA C 40 -1.08 -11.30 20.69
N GLY C 41 -0.09 -12.19 20.45
CA GLY C 41 -0.18 -13.25 19.47
C GLY C 41 0.60 -13.01 18.19
N ALA C 42 1.40 -11.92 18.11
CA ALA C 42 2.17 -11.65 16.90
C ALA C 42 3.31 -12.69 16.78
N GLN C 43 3.77 -12.90 15.55
CA GLN C 43 4.92 -13.77 15.33
C GLN C 43 5.92 -13.09 14.43
N GLY C 44 7.20 -13.41 14.68
CA GLY C 44 8.30 -12.84 13.90
C GLY C 44 8.64 -11.43 14.38
N GLU C 45 9.39 -10.70 13.56
CA GLU C 45 9.81 -9.39 14.04
C GLU C 45 9.80 -8.35 12.95
N MET C 46 9.03 -8.57 11.88
CA MET C 46 8.80 -7.54 10.88
C MET C 46 7.28 -7.39 10.69
N PHE C 47 6.80 -6.15 10.71
CA PHE C 47 5.37 -5.86 10.67
C PHE C 47 5.13 -4.56 9.91
N THR C 48 3.92 -4.42 9.35
CA THR C 48 3.43 -3.13 8.96
C THR C 48 3.00 -2.36 10.22
N VAL C 49 2.88 -1.04 10.06
CA VAL C 49 2.47 -0.19 11.17
C VAL C 49 1.02 -0.54 11.54
N LYS C 50 0.20 -0.86 10.52
CA LYS C 50 -1.16 -1.30 10.76
C LYS C 50 -1.20 -2.55 11.64
N GLU C 51 -0.30 -3.51 11.38
CA GLU C 51 -0.27 -4.72 12.19
C GLU C 51 0.12 -4.34 13.63
N VAL C 52 1.10 -3.45 13.76
CA VAL C 52 1.53 -3.03 15.09
C VAL C 52 0.33 -2.49 15.88
N MET C 53 -0.49 -1.65 15.24
CA MET C 53 -1.64 -1.06 15.94
C MET C 53 -2.65 -2.14 16.32
N HIS C 54 -2.91 -3.08 15.41
CA HIS C 54 -3.81 -4.21 15.67
C HIS C 54 -3.37 -4.96 16.93
N TYR C 55 -2.09 -5.37 17.00
CA TYR C 55 -1.59 -6.16 18.10
C TYR C 55 -1.58 -5.36 19.41
N LEU C 56 -1.26 -4.06 19.35
CA LEU C 56 -1.31 -3.24 20.56
C LEU C 56 -2.73 -3.19 21.12
N GLY C 57 -3.71 -2.99 20.22
CA GLY C 57 -5.12 -2.98 20.65
C GLY C 57 -5.48 -4.32 21.30
N GLN C 58 -5.03 -5.42 20.67
CA GLN C 58 -5.26 -6.77 21.18
C GLN C 58 -4.59 -6.98 22.54
N TYR C 59 -3.37 -6.46 22.70
CA TYR C 59 -2.64 -6.52 23.96
C TYR C 59 -3.46 -5.89 25.08
N ILE C 60 -3.98 -4.69 24.84
CA ILE C 60 -4.74 -3.98 25.87
C ILE C 60 -5.98 -4.78 26.25
N MET C 61 -6.62 -5.40 25.26
CA MET C 61 -7.78 -6.24 25.51
C MET C 61 -7.39 -7.48 26.34
N VAL C 62 -6.36 -8.22 25.92
CA VAL C 62 -6.06 -9.47 26.61
C VAL C 62 -5.47 -9.22 28.00
N LYS C 63 -4.79 -8.09 28.23
CA LYS C 63 -4.24 -7.82 29.55
C LYS C 63 -5.26 -7.07 30.43
N GLN C 64 -6.45 -6.79 29.88
CA GLN C 64 -7.54 -6.07 30.54
C GLN C 64 -7.05 -4.75 31.16
N LEU C 65 -6.34 -3.93 30.36
CA LEU C 65 -5.83 -2.66 30.84
C LEU C 65 -6.82 -1.51 30.66
N TYR C 66 -7.92 -1.75 29.95
CA TYR C 66 -8.91 -0.71 29.74
C TYR C 66 -9.92 -0.69 30.89
N ASP C 67 -10.61 0.43 31.02
CA ASP C 67 -11.66 0.62 31.99
C ASP C 67 -12.97 0.14 31.38
N GLN C 68 -13.68 -0.78 32.03
CA GLN C 68 -14.83 -1.42 31.39
C GLN C 68 -15.98 -0.42 31.26
N GLN C 69 -16.00 0.62 32.09
CA GLN C 69 -17.02 1.66 32.04
C GLN C 69 -16.63 2.71 31.00
N GLU C 70 -15.40 3.23 31.10
CA GLU C 70 -14.88 4.24 30.19
C GLU C 70 -13.85 3.60 29.28
N GLN C 71 -14.28 2.93 28.22
CA GLN C 71 -13.45 1.94 27.54
C GLN C 71 -12.38 2.59 26.67
N HIS C 72 -12.45 3.89 26.46
CA HIS C 72 -11.42 4.69 25.79
C HIS C 72 -10.20 4.93 26.70
N MET C 73 -10.34 4.65 28.00
CA MET C 73 -9.25 4.89 28.95
C MET C 73 -8.45 3.61 29.15
N VAL C 74 -7.13 3.74 29.04
CA VAL C 74 -6.20 2.66 29.27
C VAL C 74 -5.38 2.96 30.52
N TYR C 75 -5.35 2.00 31.46
CA TYR C 75 -4.53 2.13 32.66
C TYR C 75 -3.34 1.19 32.54
N CYS C 76 -2.22 1.75 32.08
CA CYS C 76 -1.05 1.00 31.67
C CYS C 76 0.07 1.04 32.71
N GLY C 77 -0.09 1.86 33.75
CA GLY C 77 0.95 2.06 34.72
C GLY C 77 1.26 0.73 35.44
N GLY C 78 2.55 0.49 35.67
CA GLY C 78 2.92 -0.82 36.20
C GLY C 78 2.79 -2.00 35.22
N ASP C 79 2.33 -1.79 33.95
CA ASP C 79 2.58 -2.74 32.85
C ASP C 79 3.80 -2.29 32.05
N LEU C 80 4.45 -3.23 31.34
CA LEU C 80 5.50 -2.87 30.41
C LEU C 80 5.05 -1.78 29.43
N LEU C 81 3.78 -1.81 29.03
CA LEU C 81 3.31 -0.82 28.08
C LEU C 81 3.39 0.60 28.68
N GLY C 82 3.03 0.71 29.95
CA GLY C 82 3.15 1.95 30.71
C GLY C 82 4.59 2.46 30.77
N GLU C 83 5.53 1.54 31.00
CA GLU C 83 6.94 1.93 30.94
C GLU C 83 7.34 2.51 29.60
N LEU C 84 6.95 1.83 28.50
CA LEU C 84 7.29 2.31 27.18
C LEU C 84 6.72 3.69 26.93
N LEU C 85 5.43 3.89 27.29
CA LEU C 85 4.73 5.14 27.04
C LEU C 85 5.17 6.25 27.99
N GLY C 86 5.76 5.90 29.13
CA GLY C 86 6.09 6.84 30.19
C GLY C 86 4.84 7.43 30.83
N ARG C 87 3.80 6.62 30.92
CA ARG C 87 2.54 7.07 31.49
C ARG C 87 1.89 6.02 32.39
N GLN C 88 1.09 6.50 33.33
CA GLN C 88 0.16 5.65 34.08
C GLN C 88 -1.12 5.32 33.32
N SER C 89 -1.57 6.23 32.45
CA SER C 89 -2.87 6.16 31.79
C SER C 89 -2.79 6.90 30.47
N PHE C 90 -3.67 6.53 29.54
CA PHE C 90 -3.94 7.43 28.45
C PHE C 90 -5.33 7.12 27.90
N SER C 91 -5.82 8.09 27.14
CA SER C 91 -7.09 8.01 26.48
C SER C 91 -6.86 7.85 24.98
N VAL C 92 -7.57 6.91 24.35
CA VAL C 92 -7.46 6.75 22.91
C VAL C 92 -7.95 8.02 22.19
N LYS C 93 -8.71 8.89 22.89
CA LYS C 93 -9.16 10.15 22.32
C LYS C 93 -8.03 11.18 22.20
N ASP C 94 -6.96 11.03 23.00
CA ASP C 94 -5.82 11.90 22.95
C ASP C 94 -4.55 11.05 22.81
N PRO C 95 -4.30 10.48 21.61
CA PRO C 95 -3.27 9.44 21.48
C PRO C 95 -1.84 9.91 21.29
N SER C 96 -1.54 11.18 21.58
CA SER C 96 -0.19 11.72 21.41
C SER C 96 0.92 10.85 22.04
N PRO C 97 0.78 10.33 23.26
CA PRO C 97 1.83 9.48 23.83
C PRO C 97 2.13 8.22 23.02
N LEU C 98 1.08 7.68 22.36
CA LEU C 98 1.26 6.50 21.53
C LEU C 98 2.05 6.81 20.27
N TYR C 99 1.72 7.93 19.62
CA TYR C 99 2.48 8.42 18.48
C TYR C 99 3.95 8.56 18.87
N ASP C 100 4.20 9.22 20.01
CA ASP C 100 5.55 9.48 20.45
C ASP C 100 6.31 8.15 20.63
N MET C 101 5.66 7.21 21.32
CA MET C 101 6.26 5.91 21.63
C MET C 101 6.59 5.17 20.34
N LEU C 102 5.68 5.21 19.37
CA LEU C 102 5.90 4.42 18.17
C LEU C 102 6.96 5.06 17.27
N ARG C 103 7.06 6.39 17.25
CA ARG C 103 8.18 7.04 16.55
C ARG C 103 9.52 6.57 17.11
N LYS C 104 9.62 6.35 18.42
CA LYS C 104 10.87 5.94 19.06
C LYS C 104 11.10 4.43 18.99
N ASN C 105 10.05 3.62 18.79
CA ASN C 105 10.18 2.20 19.02
C ASN C 105 9.94 1.38 17.75
N LEU C 106 9.70 2.05 16.60
CA LEU C 106 9.62 1.34 15.32
C LEU C 106 10.79 1.80 14.44
N VAL C 107 11.58 0.84 13.96
CA VAL C 107 12.70 1.13 13.08
C VAL C 107 12.30 0.80 11.65
N THR C 108 12.49 1.73 10.71
CA THR C 108 12.17 1.50 9.31
C THR C 108 13.11 0.48 8.67
N LEU C 109 12.53 -0.38 7.82
CA LEU C 109 13.23 -1.40 7.06
C LEU C 109 13.50 -2.62 7.97
N GLN D 12 24.66 -14.52 -23.87
CA GLN D 12 24.61 -13.28 -23.06
C GLN D 12 25.82 -12.38 -23.34
N ASP D 13 26.75 -12.87 -24.19
CA ASP D 13 27.98 -12.21 -24.60
C ASP D 13 27.72 -10.74 -24.95
N LEU D 14 26.93 -10.45 -26.00
CA LEU D 14 26.72 -9.08 -26.46
C LEU D 14 25.84 -8.26 -25.51
N GLU D 15 24.85 -8.89 -24.85
CA GLU D 15 24.00 -8.17 -23.91
C GLU D 15 24.84 -7.72 -22.71
N ASN D 16 25.70 -8.60 -22.21
CA ASN D 16 26.65 -8.25 -21.15
C ASN D 16 27.58 -7.11 -21.55
N LEU D 17 28.19 -7.21 -22.72
CA LEU D 17 29.03 -6.15 -23.24
C LEU D 17 28.30 -4.81 -23.23
N TYR D 18 27.06 -4.81 -23.73
CA TYR D 18 26.30 -3.57 -23.85
C TYR D 18 26.11 -2.94 -22.46
N PHE D 19 25.70 -3.78 -21.50
CA PHE D 19 25.31 -3.29 -20.17
C PHE D 19 26.50 -3.01 -19.24
N GLN D 20 27.73 -3.43 -19.60
CA GLN D 20 28.95 -3.09 -18.87
C GLN D 20 29.13 -1.60 -18.68
N GLY D 21 29.28 -1.21 -17.41
CA GLY D 21 29.55 0.18 -17.06
C GLY D 21 28.27 1.01 -16.98
N SER D 22 27.11 0.36 -17.21
CA SER D 22 25.81 1.00 -17.27
C SER D 22 24.75 0.21 -16.50
N GLN D 23 25.13 -0.50 -15.43
CA GLN D 23 24.15 -1.29 -14.71
C GLN D 23 23.57 -0.58 -13.48
N ILE D 24 24.24 0.49 -13.04
CA ILE D 24 23.81 1.29 -11.90
C ILE D 24 23.34 2.65 -12.41
N ASN D 25 24.01 3.19 -13.42
CA ASN D 25 23.59 4.46 -14.00
C ASN D 25 23.63 5.55 -12.92
N GLN D 26 24.83 5.83 -12.46
CA GLN D 26 25.00 6.92 -11.51
C GLN D 26 25.06 8.21 -12.32
N VAL D 27 24.68 9.29 -11.63
CA VAL D 27 24.64 10.65 -12.18
C VAL D 27 25.36 11.59 -11.21
N ARG D 28 25.83 12.71 -11.77
CA ARG D 28 26.48 13.75 -11.03
C ARG D 28 25.58 14.98 -11.19
N PRO D 29 24.89 15.40 -10.11
CA PRO D 29 24.05 16.60 -10.21
C PRO D 29 24.91 17.84 -10.49
N LYS D 30 24.38 18.77 -11.28
CA LYS D 30 24.98 20.09 -11.44
C LYS D 30 24.93 20.82 -10.10
N LEU D 31 25.83 21.83 -9.94
CA LEU D 31 26.16 22.39 -8.64
C LEU D 31 24.91 22.89 -7.89
N PRO D 32 23.98 23.67 -8.49
CA PRO D 32 22.81 24.11 -7.70
C PRO D 32 21.96 22.97 -7.14
N LEU D 33 21.80 21.92 -7.95
CA LEU D 33 21.00 20.76 -7.53
C LEU D 33 21.79 20.00 -6.46
N LEU D 34 23.10 19.91 -6.61
CA LEU D 34 23.94 19.24 -5.61
C LEU D 34 23.76 19.89 -4.24
N LYS D 35 23.71 21.23 -4.19
CA LYS D 35 23.52 21.95 -2.95
C LYS D 35 22.18 21.62 -2.30
N ILE D 36 21.14 21.47 -3.12
CA ILE D 36 19.84 21.05 -2.60
C ILE D 36 19.95 19.66 -1.97
N LEU D 37 20.57 18.71 -2.68
CA LEU D 37 20.65 17.34 -2.15
C LEU D 37 21.42 17.31 -0.82
N HIS D 38 22.54 18.04 -0.75
CA HIS D 38 23.32 18.18 0.47
C HIS D 38 22.49 18.76 1.63
N ALA D 39 21.63 19.74 1.34
CA ALA D 39 20.78 20.32 2.36
C ALA D 39 19.80 19.30 2.91
N ALA D 40 19.49 18.25 2.14
CA ALA D 40 18.55 17.20 2.58
C ALA D 40 19.29 16.04 3.26
N GLY D 41 20.62 16.19 3.40
CA GLY D 41 21.46 15.23 4.10
C GLY D 41 22.32 14.36 3.20
N ALA D 42 22.33 14.60 1.87
CA ALA D 42 23.12 13.79 0.95
C ALA D 42 24.61 14.08 1.16
N GLN D 43 25.45 13.11 0.81
CA GLN D 43 26.89 13.32 0.88
C GLN D 43 27.55 12.88 -0.42
N GLY D 44 28.61 13.59 -0.78
CA GLY D 44 29.35 13.28 -1.99
C GLY D 44 28.69 13.90 -3.22
N GLU D 45 29.09 13.45 -4.39
CA GLU D 45 28.49 14.06 -5.58
C GLU D 45 28.23 13.07 -6.69
N MET D 46 28.09 11.79 -6.33
CA MET D 46 27.64 10.78 -7.27
C MET D 46 26.46 10.04 -6.63
N PHE D 47 25.38 9.88 -7.38
CA PHE D 47 24.14 9.31 -6.89
C PHE D 47 23.45 8.54 -8.00
N THR D 48 22.62 7.56 -7.61
CA THR D 48 21.61 7.04 -8.50
C THR D 48 20.46 8.05 -8.60
N VAL D 49 19.67 7.87 -9.66
CA VAL D 49 18.52 8.74 -9.87
C VAL D 49 17.51 8.53 -8.74
N LYS D 50 17.40 7.25 -8.28
CA LYS D 50 16.53 6.96 -7.16
C LYS D 50 16.95 7.73 -5.91
N GLU D 51 18.26 7.80 -5.64
CA GLU D 51 18.74 8.57 -4.49
C GLU D 51 18.38 10.05 -4.67
N VAL D 52 18.57 10.56 -5.88
CA VAL D 52 18.25 11.95 -6.14
C VAL D 52 16.79 12.23 -5.77
N MET D 53 15.88 11.35 -6.18
CA MET D 53 14.45 11.56 -5.90
C MET D 53 14.18 11.51 -4.40
N HIS D 54 14.80 10.54 -3.68
CA HIS D 54 14.68 10.45 -2.24
C HIS D 54 15.07 11.76 -1.57
N TYR D 55 16.25 12.31 -1.90
CA TYR D 55 16.76 13.51 -1.28
C TYR D 55 15.91 14.73 -1.64
N LEU D 56 15.41 14.81 -2.88
CA LEU D 56 14.55 15.93 -3.25
C LEU D 56 13.27 15.91 -2.42
N GLY D 57 12.68 14.71 -2.26
CA GLY D 57 11.49 14.56 -1.41
C GLY D 57 11.79 15.01 0.01
N GLN D 58 12.95 14.58 0.52
CA GLN D 58 13.39 14.96 1.86
C GLN D 58 13.59 16.47 2.00
N TYR D 59 14.18 17.09 0.96
CA TYR D 59 14.39 18.52 0.92
C TYR D 59 13.06 19.27 1.08
N ILE D 60 12.06 18.86 0.31
CA ILE D 60 10.75 19.53 0.37
C ILE D 60 10.15 19.40 1.77
N MET D 61 10.32 18.23 2.38
CA MET D 61 9.82 18.01 3.74
C MET D 61 10.58 18.89 4.74
N VAL D 62 11.91 18.88 4.71
CA VAL D 62 12.72 19.61 5.69
C VAL D 62 12.57 21.13 5.52
N LYS D 63 12.35 21.62 4.30
CA LYS D 63 12.22 23.07 4.09
C LYS D 63 10.75 23.49 4.22
N GLN D 64 9.85 22.54 4.50
CA GLN D 64 8.40 22.73 4.63
C GLN D 64 7.82 23.51 3.45
N LEU D 65 8.13 23.07 2.21
CA LEU D 65 7.64 23.72 1.01
C LEU D 65 6.30 23.17 0.55
N TYR D 66 5.81 22.10 1.17
CA TYR D 66 4.52 21.54 0.79
C TYR D 66 3.41 22.24 1.58
N ASP D 67 2.20 22.13 1.05
CA ASP D 67 1.00 22.64 1.68
C ASP D 67 0.47 21.56 2.62
N GLN D 68 0.26 21.90 3.89
CA GLN D 68 -0.03 20.86 4.88
C GLN D 68 -1.43 20.30 4.66
N GLN D 69 -2.32 21.08 4.01
CA GLN D 69 -3.67 20.66 3.69
C GLN D 69 -3.67 19.85 2.40
N GLU D 70 -3.06 20.41 1.34
CA GLU D 70 -2.98 19.78 0.04
C GLU D 70 -1.55 19.32 -0.21
N GLN D 71 -1.17 18.16 0.34
CA GLN D 71 0.24 17.85 0.54
C GLN D 71 0.95 17.45 -0.76
N HIS D 72 0.18 17.24 -1.84
CA HIS D 72 0.71 17.02 -3.19
C HIS D 72 1.22 18.34 -3.82
N MET D 73 0.87 19.48 -3.22
CA MET D 73 1.27 20.78 -3.77
C MET D 73 2.55 21.25 -3.11
N VAL D 74 3.51 21.66 -3.94
CA VAL D 74 4.77 22.20 -3.49
C VAL D 74 4.87 23.67 -3.89
N TYR D 75 5.13 24.54 -2.91
CA TYR D 75 5.33 25.96 -3.16
C TYR D 75 6.80 26.30 -3.05
N CYS D 76 7.48 26.29 -4.21
CA CYS D 76 8.93 26.38 -4.30
C CYS D 76 9.42 27.76 -4.70
N GLY D 77 8.52 28.66 -5.05
CA GLY D 77 8.89 29.98 -5.56
C GLY D 77 9.78 30.78 -4.61
N GLY D 78 9.61 30.64 -3.30
CA GLY D 78 10.64 31.22 -2.41
C GLY D 78 12.12 30.85 -2.70
N ASP D 79 12.34 29.65 -3.26
CA ASP D 79 13.45 28.78 -2.89
C ASP D 79 14.36 28.52 -4.09
N LEU D 80 15.62 28.10 -3.83
CA LEU D 80 16.48 27.64 -4.89
C LEU D 80 15.81 26.59 -5.77
N LEU D 81 14.99 25.72 -5.17
CA LEU D 81 14.37 24.67 -5.95
C LEU D 81 13.43 25.28 -7.00
N GLY D 82 12.70 26.31 -6.61
CA GLY D 82 11.85 27.06 -7.55
C GLY D 82 12.64 27.69 -8.68
N GLU D 83 13.82 28.27 -8.38
CA GLU D 83 14.67 28.75 -9.44
C GLU D 83 15.05 27.67 -10.44
N LEU D 84 15.49 26.50 -9.94
CA LEU D 84 15.87 25.42 -10.82
C LEU D 84 14.71 24.98 -11.70
N LEU D 85 13.51 24.82 -11.10
CA LEU D 85 12.33 24.34 -11.80
C LEU D 85 11.74 25.41 -12.72
N GLY D 86 12.05 26.67 -12.48
CA GLY D 86 11.44 27.79 -13.18
C GLY D 86 9.96 27.93 -12.86
N ARG D 87 9.60 27.60 -11.62
CA ARG D 87 8.21 27.64 -11.21
C ARG D 87 8.04 28.19 -9.80
N GLN D 88 6.86 28.77 -9.55
CA GLN D 88 6.44 29.12 -8.19
C GLN D 88 5.86 27.92 -7.42
N SER D 89 5.26 26.96 -8.12
CA SER D 89 4.54 25.85 -7.53
C SER D 89 4.60 24.67 -8.48
N PHE D 90 4.40 23.47 -7.93
CA PHE D 90 4.02 22.36 -8.78
C PHE D 90 3.31 21.32 -7.93
N SER D 91 2.62 20.43 -8.64
CA SER D 91 1.89 19.36 -8.04
C SER D 91 2.62 18.05 -8.35
N VAL D 92 2.81 17.18 -7.35
CA VAL D 92 3.42 15.89 -7.61
C VAL D 92 2.55 15.06 -8.56
N LYS D 93 1.25 15.43 -8.71
CA LYS D 93 0.36 14.73 -9.62
C LYS D 93 0.67 15.07 -11.09
N ASP D 94 1.31 16.22 -11.34
CA ASP D 94 1.68 16.63 -12.68
C ASP D 94 3.17 16.98 -12.68
N PRO D 95 4.06 15.96 -12.63
CA PRO D 95 5.48 16.21 -12.34
C PRO D 95 6.37 16.58 -13.52
N SER D 96 5.77 16.99 -14.67
CA SER D 96 6.58 17.28 -15.85
C SER D 96 7.68 18.32 -15.61
N PRO D 97 7.51 19.40 -14.84
CA PRO D 97 8.61 20.31 -14.56
C PRO D 97 9.83 19.67 -13.88
N LEU D 98 9.54 18.66 -13.03
CA LEU D 98 10.60 17.95 -12.33
C LEU D 98 11.41 17.08 -13.30
N TYR D 99 10.72 16.37 -14.21
CA TYR D 99 11.36 15.61 -15.27
C TYR D 99 12.27 16.54 -16.07
N ASP D 100 11.74 17.69 -16.48
CA ASP D 100 12.49 18.62 -17.31
C ASP D 100 13.76 19.04 -16.58
N MET D 101 13.61 19.42 -15.29
CA MET D 101 14.71 19.93 -14.49
C MET D 101 15.78 18.85 -14.34
N LEU D 102 15.36 17.61 -14.11
CA LEU D 102 16.35 16.57 -13.87
C LEU D 102 17.06 16.16 -15.15
N ARG D 103 16.38 16.19 -16.30
CA ARG D 103 17.05 15.99 -17.58
C ARG D 103 18.18 17.00 -17.75
N LYS D 104 17.98 18.25 -17.34
CA LYS D 104 18.97 19.31 -17.52
C LYS D 104 20.04 19.31 -16.42
N ASN D 105 19.76 18.74 -15.25
CA ASN D 105 20.60 18.98 -14.10
C ASN D 105 21.28 17.70 -13.59
N LEU D 106 21.06 16.56 -14.28
CA LEU D 106 21.79 15.33 -13.96
C LEU D 106 22.69 14.97 -15.14
N VAL D 107 23.99 14.79 -14.88
CA VAL D 107 24.94 14.43 -15.92
C VAL D 107 25.25 12.94 -15.76
N THR D 108 25.15 12.17 -16.84
CA THR D 108 25.40 10.73 -16.78
C THR D 108 26.89 10.43 -16.63
N LEU D 109 27.77 11.11 -17.37
CA LEU D 109 29.14 10.70 -17.52
C LEU D 109 30.00 11.32 -16.39
#